data_3C3O
#
_entry.id   3C3O
#
_cell.length_a   120.668
_cell.length_b   62.681
_cell.length_c   76.124
_cell.angle_alpha   90.00
_cell.angle_beta   122.13
_cell.angle_gamma   90.00
#
_symmetry.space_group_name_H-M   'C 1 2 1'
#
loop_
_entity.id
_entity.type
_entity.pdbx_description
1 polymer 'Programmed cell death 6-interacting protein'
2 polymer 'Charged multivesicular body protein 4a peptide'
3 non-polymer GLYCEROL
4 water water
#
loop_
_entity_poly.entity_id
_entity_poly.type
_entity_poly.pdbx_seq_one_letter_code
_entity_poly.pdbx_strand_id
1 'polypeptide(L)'
;MHHHHHHHHHHSGQNLYFQGHMATFISVQLKKTSEVDLAKPLVKFIQQTYPSGGEEQAQYCRAAEELSKLRRAAVGRPLD
KHEGALETLLRYYDQICSIEPKFPFSENQICLTFTWKDAFDKGSLFGGSVKLALASLGYEKSCVLFNCAALASQIAAEQN
LDNDEGLKIAAKHYQFASGAFLHIKETVLSALSREPTVDISPDTVGTLSLIMLAQAQEVFFLKATRDKMKDAIIAKLANQ
AADYFGDAFKQCQYKDTLPKEVFPVLAAKHCIMQANAEYHQSILAKQQKKFGEEIARLQHAAELIKTVASRYDEYVNVKD
FSDKINRALAAAKKDNDFIYHDRVPDLKDLDPIGKATLVKSTPVNVPISQKFTDLFEKMV
;
A
2 'polypeptide(L)' DEEALKQLAEWVS B
#
loop_
_chem_comp.id
_chem_comp.type
_chem_comp.name
_chem_comp.formula
GOL non-polymer GLYCEROL 'C3 H8 O3'
#
# COMPACT_ATOMS: atom_id res chain seq x y z
N ALA A 23 15.31 -5.69 -4.71
CA ALA A 23 14.02 -5.24 -4.09
C ALA A 23 13.44 -3.93 -4.77
N THR A 24 12.40 -4.07 -5.63
CA THR A 24 11.76 -2.87 -6.29
C THR A 24 10.32 -2.63 -5.88
N PHE A 25 10.11 -1.73 -4.93
CA PHE A 25 8.81 -1.49 -4.32
C PHE A 25 8.09 -0.25 -4.84
N ILE A 26 6.78 -0.32 -5.04
CA ILE A 26 6.00 0.85 -5.51
C ILE A 26 5.52 1.67 -4.31
N SER A 27 5.70 2.97 -4.38
CA SER A 27 5.15 3.89 -3.41
C SER A 27 4.44 5.03 -4.16
N VAL A 28 3.58 5.76 -3.45
CA VAL A 28 2.69 6.78 -4.06
C VAL A 28 3.16 8.22 -3.64
N GLN A 29 3.28 9.13 -4.61
CA GLN A 29 3.50 10.57 -4.36
C GLN A 29 2.32 11.21 -3.63
N LEU A 30 2.61 12.15 -2.71
CA LEU A 30 1.57 12.84 -1.93
C LEU A 30 0.88 13.82 -2.87
N LYS A 31 -0.42 14.05 -2.64
CA LYS A 31 -1.10 15.12 -3.39
C LYS A 31 -0.63 16.51 -2.87
N LYS A 32 -0.47 17.45 -3.78
CA LYS A 32 -0.24 18.85 -3.41
C LYS A 32 -1.54 19.61 -3.05
N THR A 33 -1.46 20.53 -2.08
CA THR A 33 -2.60 21.39 -1.73
C THR A 33 -2.12 22.82 -1.61
N SER A 34 -3.06 23.76 -1.53
CA SER A 34 -2.65 25.15 -1.32
C SER A 34 -3.13 25.62 0.04
N GLU A 35 -2.45 26.63 0.59
CA GLU A 35 -2.71 27.08 1.96
C GLU A 35 -4.12 27.61 2.11
N VAL A 36 -4.71 27.34 3.26
CA VAL A 36 -6.05 27.81 3.57
C VAL A 36 -6.02 28.37 4.99
N ASP A 37 -6.74 29.46 5.22
CA ASP A 37 -7.02 29.94 6.58
C ASP A 37 -8.23 29.23 7.19
N LEU A 38 -7.97 28.16 7.92
CA LEU A 38 -9.05 27.40 8.55
C LEU A 38 -9.74 28.21 9.62
N ALA A 39 -8.93 28.95 10.40
CA ALA A 39 -9.41 29.73 11.54
C ALA A 39 -10.46 30.79 11.15
N LYS A 40 -10.12 31.73 10.28
CA LYS A 40 -11.01 32.85 9.95
C LYS A 40 -12.51 32.43 9.80
N PRO A 41 -12.83 31.61 8.80
CA PRO A 41 -14.20 31.05 8.67
C PRO A 41 -14.75 30.15 9.82
N LEU A 42 -13.90 29.62 10.69
CA LEU A 42 -14.38 28.77 11.81
C LEU A 42 -14.71 29.59 13.06
N VAL A 43 -13.81 30.52 13.39
CA VAL A 43 -13.98 31.50 14.49
C VAL A 43 -15.32 32.24 14.31
N LYS A 44 -15.52 32.82 13.12
CA LYS A 44 -16.72 33.59 12.80
C LYS A 44 -18.00 32.78 12.92
N PHE A 45 -17.94 31.46 12.66
CA PHE A 45 -19.13 30.62 12.75
C PHE A 45 -19.24 29.82 14.08
N ILE A 46 -18.46 30.24 15.07
CA ILE A 46 -18.58 29.72 16.47
C ILE A 46 -19.42 30.68 17.34
N GLN A 47 -19.35 31.96 16.98
CA GLN A 47 -20.11 33.00 17.64
C GLN A 47 -21.51 32.97 17.05
N GLN A 48 -22.27 31.95 17.47
CA GLN A 48 -23.65 31.71 17.04
C GLN A 48 -24.53 31.45 18.28
N THR A 49 -25.13 30.24 18.38
CA THR A 49 -25.62 29.75 19.68
C THR A 49 -24.33 29.38 20.42
N TYR A 50 -24.21 29.90 21.66
CA TYR A 50 -22.93 30.29 22.29
C TYR A 50 -22.93 31.84 22.40
N PRO A 51 -23.88 32.43 23.15
CA PRO A 51 -23.85 33.89 23.41
C PRO A 51 -22.57 34.38 24.17
N SER A 52 -21.70 33.45 24.58
CA SER A 52 -20.54 33.74 25.42
C SER A 52 -19.42 34.55 24.77
N GLY A 53 -19.74 35.75 24.29
CA GLY A 53 -18.72 36.69 23.82
C GLY A 53 -17.88 37.18 24.99
N GLY A 54 -17.19 36.24 25.65
CA GLY A 54 -16.42 36.51 26.87
C GLY A 54 -15.10 35.76 26.97
N GLU A 55 -15.15 34.49 27.39
CA GLU A 55 -13.94 33.64 27.50
C GLU A 55 -14.08 32.22 26.93
N GLU A 56 -14.89 31.37 27.57
CA GLU A 56 -15.01 29.95 27.19
C GLU A 56 -15.18 29.75 25.68
N GLN A 57 -16.20 30.39 25.10
CA GLN A 57 -16.48 30.38 23.65
C GLN A 57 -15.32 30.97 22.84
N ALA A 58 -14.64 31.99 23.38
CA ALA A 58 -13.52 32.63 22.67
C ALA A 58 -12.15 31.97 22.92
N GLN A 59 -12.18 30.70 23.35
CA GLN A 59 -11.00 29.84 23.37
C GLN A 59 -11.09 28.71 22.33
N TYR A 60 -12.30 28.16 22.17
CA TYR A 60 -12.66 27.28 21.05
C TYR A 60 -12.36 27.93 19.70
N CYS A 61 -11.94 29.20 19.76
CA CYS A 61 -11.57 30.01 18.60
C CYS A 61 -10.06 30.24 18.49
N ARG A 62 -9.32 29.73 19.47
CA ARG A 62 -7.85 29.71 19.41
C ARG A 62 -7.43 28.26 19.27
N ALA A 63 -8.36 27.35 19.59
CA ALA A 63 -8.23 25.95 19.28
C ALA A 63 -8.42 25.74 17.75
N ALA A 64 -9.14 26.68 17.13
CA ALA A 64 -9.30 26.69 15.68
C ALA A 64 -8.10 27.32 15.02
N GLU A 65 -7.23 27.91 15.82
CA GLU A 65 -5.99 28.48 15.33
C GLU A 65 -4.94 27.39 15.32
N GLU A 66 -5.12 26.46 16.26
CA GLU A 66 -4.23 25.30 16.42
C GLU A 66 -4.46 24.34 15.26
N LEU A 67 -5.74 24.07 14.99
CA LEU A 67 -6.18 23.33 13.80
C LEU A 67 -5.71 23.89 12.45
N SER A 68 -5.64 25.21 12.30
CA SER A 68 -5.24 25.81 11.02
C SER A 68 -3.76 25.64 10.84
N LYS A 69 -3.06 25.76 11.98
CA LYS A 69 -1.61 25.56 12.06
C LYS A 69 -1.24 24.08 11.82
N LEU A 70 -2.07 23.18 12.35
CA LEU A 70 -1.99 21.73 12.15
C LEU A 70 -2.09 21.33 10.68
N ARG A 71 -3.12 21.83 9.96
CA ARG A 71 -3.15 21.74 8.50
C ARG A 71 -1.87 22.17 7.83
N ARG A 72 -1.40 23.40 8.09
CA ARG A 72 -0.12 23.85 7.49
C ARG A 72 0.98 22.84 7.81
N ALA A 73 0.94 22.28 8.99
CA ALA A 73 1.94 21.28 9.36
C ALA A 73 1.78 19.93 8.55
N ALA A 74 0.57 19.35 8.59
CA ALA A 74 0.21 18.11 7.90
C ALA A 74 0.46 18.22 6.40
N VAL A 75 -0.08 19.24 5.78
CA VAL A 75 -0.10 19.26 4.33
C VAL A 75 0.71 20.38 3.64
N GLY A 76 1.47 21.15 4.40
CA GLY A 76 2.20 22.27 3.80
C GLY A 76 3.71 22.12 3.73
N ARG A 77 4.27 21.50 4.76
CA ARG A 77 5.73 21.29 4.90
C ARG A 77 6.38 20.41 3.80
N PRO A 78 7.63 20.74 3.41
CA PRO A 78 8.44 19.89 2.51
C PRO A 78 8.49 18.44 3.00
N LEU A 79 8.56 17.50 2.06
CA LEU A 79 8.49 16.07 2.40
C LEU A 79 9.44 15.69 3.55
N ASP A 80 8.88 15.23 4.66
CA ASP A 80 9.66 14.52 5.68
C ASP A 80 9.14 13.08 5.67
N LYS A 81 10.04 12.10 5.76
CA LYS A 81 9.62 10.71 5.62
C LYS A 81 9.72 9.86 6.90
N HIS A 82 9.50 10.50 8.05
CA HIS A 82 9.58 9.81 9.36
C HIS A 82 8.19 9.53 9.93
N GLU A 83 8.12 8.78 11.04
CA GLU A 83 6.85 8.65 11.76
C GLU A 83 6.42 10.03 12.26
N GLY A 84 7.41 10.94 12.39
CA GLY A 84 7.23 12.39 12.62
C GLY A 84 6.13 12.98 11.74
N ALA A 85 6.45 13.18 10.46
CA ALA A 85 5.48 13.63 9.44
C ALA A 85 4.19 12.81 9.26
N LEU A 86 4.23 11.48 9.39
CA LEU A 86 2.99 10.67 9.25
C LEU A 86 2.04 10.86 10.41
N GLU A 87 2.58 10.98 11.61
CA GLU A 87 1.73 11.18 12.78
C GLU A 87 1.03 12.54 12.71
N THR A 88 1.72 13.54 12.17
CA THR A 88 1.14 14.86 11.93
C THR A 88 -0.11 14.73 11.02
N LEU A 89 0.11 14.24 9.79
CA LEU A 89 -0.94 13.80 8.90
C LEU A 89 -2.04 13.02 9.51
N LEU A 90 -1.76 12.04 10.34
CA LEU A 90 -2.84 11.20 10.90
C LEU A 90 -3.67 11.89 11.99
N ARG A 91 -2.99 12.74 12.78
CA ARG A 91 -3.63 13.69 13.69
C ARG A 91 -4.56 14.64 12.93
N TYR A 92 -4.02 15.29 11.90
CA TYR A 92 -4.83 16.15 11.12
C TYR A 92 -6.08 15.40 10.62
N TYR A 93 -5.94 14.20 10.07
CA TYR A 93 -7.11 13.40 9.70
C TYR A 93 -8.05 13.13 10.85
N ASP A 94 -7.52 12.66 11.96
CA ASP A 94 -8.34 12.49 13.14
C ASP A 94 -9.15 13.76 13.43
N GLN A 95 -8.50 14.92 13.35
CA GLN A 95 -9.14 16.16 13.80
C GLN A 95 -10.29 16.51 12.88
N ILE A 96 -10.00 16.59 11.59
CA ILE A 96 -11.03 16.86 10.56
C ILE A 96 -12.29 16.02 10.75
N CYS A 97 -12.11 14.75 11.07
CA CYS A 97 -13.26 13.88 11.23
C CYS A 97 -14.15 14.24 12.46
N SER A 98 -13.54 14.77 13.52
CA SER A 98 -14.24 15.08 14.79
C SER A 98 -14.80 16.53 14.84
N ILE A 99 -14.69 17.21 13.70
CA ILE A 99 -15.12 18.58 13.47
C ILE A 99 -16.40 18.55 12.65
N GLU A 100 -16.74 17.38 12.11
CA GLU A 100 -17.86 17.23 11.19
C GLU A 100 -19.22 17.28 11.89
N PRO A 101 -19.33 16.68 13.08
CA PRO A 101 -20.50 16.95 13.94
C PRO A 101 -20.50 18.39 14.51
N LYS A 102 -19.31 18.91 14.85
CA LYS A 102 -19.16 20.25 15.43
C LYS A 102 -19.56 21.39 14.49
N PHE A 103 -19.35 21.21 13.19
CA PHE A 103 -19.51 22.28 12.23
C PHE A 103 -20.38 21.87 11.05
N PRO A 104 -21.33 22.73 10.70
CA PRO A 104 -22.27 22.49 9.57
C PRO A 104 -21.64 22.47 8.15
N PHE A 105 -21.46 21.27 7.58
CA PHE A 105 -20.70 21.10 6.32
C PHE A 105 -21.31 20.26 5.17
N SER A 106 -22.11 19.25 5.51
CA SER A 106 -23.06 18.67 4.52
C SER A 106 -24.46 19.35 4.69
N GLU A 107 -24.43 20.51 5.36
CA GLU A 107 -25.49 21.52 5.37
C GLU A 107 -24.88 22.75 4.70
N ASN A 108 -23.66 23.09 5.12
CA ASN A 108 -22.76 24.07 4.44
C ASN A 108 -23.46 25.28 3.80
N GLN A 109 -23.67 26.41 4.50
CA GLN A 109 -23.40 26.74 5.93
C GLN A 109 -22.06 27.48 6.25
N ILE A 110 -20.93 26.77 6.19
CA ILE A 110 -19.60 27.41 6.39
C ILE A 110 -18.86 27.62 5.07
N CYS A 111 -17.81 28.42 5.12
CA CYS A 111 -17.26 29.01 3.91
C CYS A 111 -15.79 28.66 3.55
N LEU A 112 -15.42 27.38 3.65
CA LEU A 112 -14.03 26.92 3.39
C LEU A 112 -13.92 26.24 2.03
N THR A 113 -12.88 26.60 1.29
CA THR A 113 -12.58 25.92 0.03
C THR A 113 -11.18 25.30 0.02
N PHE A 114 -11.15 23.97 -0.04
CA PHE A 114 -9.90 23.21 -0.19
C PHE A 114 -9.62 22.87 -1.66
N THR A 115 -8.39 23.14 -2.06
CA THR A 115 -7.94 22.97 -3.41
C THR A 115 -6.75 21.99 -3.43
N TRP A 116 -6.88 20.92 -4.18
CA TRP A 116 -5.82 19.90 -4.25
C TRP A 116 -5.53 19.54 -5.69
N LYS A 117 -4.25 19.37 -6.04
CA LYS A 117 -3.83 18.83 -7.35
C LYS A 117 -3.89 17.28 -7.37
N ASP A 118 -4.17 16.72 -8.54
CA ASP A 118 -4.21 15.25 -8.75
C ASP A 118 -2.81 14.65 -8.55
N ALA A 119 -2.69 13.54 -7.81
CA ALA A 119 -1.34 13.03 -7.47
C ALA A 119 -0.50 12.55 -8.69
N PHE A 120 -1.20 12.23 -9.78
CA PHE A 120 -0.61 11.58 -10.94
C PHE A 120 -0.67 12.35 -12.21
N ASP A 121 -1.81 12.99 -12.49
CA ASP A 121 -2.02 13.71 -13.75
C ASP A 121 -1.30 15.03 -13.77
N LYS A 122 -0.23 15.07 -14.55
CA LYS A 122 0.59 16.25 -14.69
C LYS A 122 -0.21 17.40 -15.30
N GLY A 123 -1.25 17.05 -16.05
CA GLY A 123 -2.02 18.00 -16.86
C GLY A 123 -1.22 18.35 -18.10
N SER A 124 -1.88 18.99 -19.05
CA SER A 124 -1.13 19.43 -20.23
C SER A 124 -0.26 20.65 -19.89
N LEU A 125 0.97 20.62 -20.38
CA LEU A 125 1.83 21.80 -20.38
C LEU A 125 1.35 22.79 -21.48
N PHE A 126 0.19 22.46 -22.08
CA PHE A 126 -0.73 23.37 -22.79
C PHE A 126 -1.75 23.91 -21.77
N GLY A 127 -1.26 24.52 -20.67
CA GLY A 127 -2.12 24.94 -19.54
C GLY A 127 -1.49 24.71 -18.17
N GLY A 128 -2.31 24.29 -17.20
CA GLY A 128 -1.82 23.98 -15.84
C GLY A 128 -2.16 22.58 -15.33
N SER A 129 -1.96 22.39 -14.02
CA SER A 129 -2.25 21.13 -13.24
C SER A 129 -3.63 20.52 -13.49
N VAL A 130 -3.86 19.33 -12.96
CA VAL A 130 -5.24 18.91 -12.79
C VAL A 130 -5.55 19.15 -11.30
N LYS A 131 -6.36 20.19 -11.05
CA LYS A 131 -6.68 20.66 -9.69
C LYS A 131 -8.18 20.57 -9.49
N LEU A 132 -8.61 20.48 -8.24
CA LEU A 132 -10.03 20.44 -7.92
C LEU A 132 -10.29 21.12 -6.55
N ALA A 133 -11.06 22.21 -6.62
CA ALA A 133 -11.47 23.03 -5.50
C ALA A 133 -12.87 22.61 -5.04
N LEU A 134 -13.08 22.45 -3.74
CA LEU A 134 -14.40 22.10 -3.22
C LEU A 134 -14.58 22.53 -1.77
N ALA A 135 -15.78 23.04 -1.50
CA ALA A 135 -16.16 23.53 -0.20
C ALA A 135 -16.67 22.37 0.61
N SER A 136 -15.79 21.42 0.93
CA SER A 136 -16.24 20.17 1.55
C SER A 136 -15.24 19.62 2.55
N LEU A 137 -15.75 19.22 3.71
CA LEU A 137 -14.86 18.59 4.67
C LEU A 137 -14.56 17.18 4.14
N GLY A 138 -15.59 16.52 3.61
CA GLY A 138 -15.46 15.31 2.80
C GLY A 138 -14.29 15.28 1.83
N TYR A 139 -14.14 16.29 1.00
CA TYR A 139 -13.08 16.32 0.01
C TYR A 139 -11.72 16.39 0.69
N GLU A 140 -11.67 17.24 1.72
CA GLU A 140 -10.49 17.50 2.51
C GLU A 140 -10.01 16.20 3.12
N LYS A 141 -10.87 15.50 3.86
CA LYS A 141 -10.44 14.35 4.63
C LYS A 141 -9.96 13.20 3.72
N SER A 142 -10.52 13.18 2.50
CA SER A 142 -10.21 12.18 1.49
C SER A 142 -8.85 12.36 0.95
N CYS A 143 -8.48 13.61 0.70
CA CYS A 143 -7.18 13.90 0.16
C CYS A 143 -6.14 13.78 1.27
N VAL A 144 -6.59 14.03 2.51
CA VAL A 144 -5.71 13.89 3.63
C VAL A 144 -5.40 12.42 3.81
N LEU A 145 -6.44 11.59 3.82
CA LEU A 145 -6.28 10.16 3.98
C LEU A 145 -5.41 9.57 2.87
N PHE A 146 -5.60 10.09 1.67
CA PHE A 146 -4.77 9.72 0.56
C PHE A 146 -3.34 9.91 0.90
N ASN A 147 -3.00 11.10 1.44
CA ASN A 147 -1.60 11.43 1.70
C ASN A 147 -1.10 10.63 2.87
N CYS A 148 -1.94 10.28 3.85
CA CYS A 148 -1.57 9.35 4.93
C CYS A 148 -1.13 8.01 4.32
N ALA A 149 -1.94 7.47 3.41
CA ALA A 149 -1.63 6.22 2.68
C ALA A 149 -0.34 6.36 1.86
N ALA A 150 -0.23 7.41 1.07
CA ALA A 150 0.94 7.65 0.24
C ALA A 150 2.26 7.77 1.03
N LEU A 151 2.27 8.56 2.11
CA LEU A 151 3.42 8.61 3.02
C LEU A 151 3.74 7.26 3.62
N ALA A 152 2.75 6.61 4.25
CA ALA A 152 2.86 5.24 4.69
C ALA A 152 3.56 4.33 3.64
N SER A 153 3.23 4.49 2.36
CA SER A 153 3.81 3.65 1.30
C SER A 153 5.28 4.01 1.03
N GLN A 154 5.57 5.30 1.16
CA GLN A 154 6.95 5.79 1.02
C GLN A 154 7.87 5.31 2.13
N ILE A 155 7.33 5.23 3.32
CA ILE A 155 8.07 4.86 4.49
C ILE A 155 8.27 3.35 4.44
N ALA A 156 7.21 2.60 4.13
CA ALA A 156 7.32 1.15 3.93
C ALA A 156 8.41 0.83 2.88
N ALA A 157 8.43 1.56 1.76
CA ALA A 157 9.33 1.22 0.63
C ALA A 157 10.76 1.57 0.94
N GLU A 158 10.92 2.27 2.06
CA GLU A 158 12.18 2.87 2.42
C GLU A 158 12.95 1.91 3.25
N GLN A 159 12.25 0.97 3.88
CA GLN A 159 12.83 0.10 4.87
C GLN A 159 13.91 -0.84 4.32
N ASN A 160 14.87 -1.16 5.20
CA ASN A 160 15.92 -2.15 4.93
C ASN A 160 15.31 -3.45 5.33
N LEU A 161 15.19 -4.31 4.33
CA LEU A 161 14.42 -5.54 4.47
C LEU A 161 15.37 -6.69 4.87
N ASP A 162 16.67 -6.38 4.91
CA ASP A 162 17.68 -7.23 5.56
C ASP A 162 17.64 -7.07 7.09
N ASN A 163 16.54 -6.54 7.63
CA ASN A 163 16.44 -6.26 9.06
C ASN A 163 15.06 -6.61 9.53
N ASP A 164 14.93 -7.33 10.63
CA ASP A 164 13.61 -7.78 11.07
C ASP A 164 12.62 -6.67 11.43
N GLU A 165 13.14 -5.52 11.85
CA GLU A 165 12.26 -4.45 12.25
C GLU A 165 11.89 -3.61 11.04
N GLY A 166 12.83 -3.46 10.09
CA GLY A 166 12.57 -2.93 8.73
C GLY A 166 11.39 -3.67 8.09
N LEU A 167 11.53 -4.99 7.97
CA LEU A 167 10.46 -5.89 7.61
C LEU A 167 9.15 -5.57 8.31
N LYS A 168 9.19 -5.48 9.63
CA LYS A 168 7.95 -5.30 10.39
C LYS A 168 7.28 -3.93 10.12
N ILE A 169 8.08 -2.91 9.85
CA ILE A 169 7.61 -1.53 9.62
C ILE A 169 6.99 -1.49 8.23
N ALA A 170 7.61 -2.20 7.28
CA ALA A 170 7.09 -2.31 5.91
C ALA A 170 5.76 -2.99 5.91
N ALA A 171 5.67 -4.12 6.59
CA ALA A 171 4.46 -4.90 6.63
C ALA A 171 3.26 -4.19 7.27
N LYS A 172 3.49 -3.57 8.43
CA LYS A 172 2.52 -2.68 9.09
C LYS A 172 2.09 -1.48 8.18
N HIS A 173 3.04 -0.78 7.57
CA HIS A 173 2.71 0.39 6.77
C HIS A 173 2.04 0.07 5.42
N TYR A 174 2.39 -1.07 4.78
CA TYR A 174 1.79 -1.44 3.50
C TYR A 174 0.37 -1.80 3.80
N GLN A 175 0.12 -2.39 4.97
CA GLN A 175 -1.23 -2.80 5.33
C GLN A 175 -2.13 -1.65 5.72
N PHE A 176 -1.55 -0.63 6.36
CA PHE A 176 -2.20 0.64 6.63
C PHE A 176 -2.57 1.33 5.34
N ALA A 177 -1.62 1.44 4.43
CA ALA A 177 -1.79 2.13 3.19
C ALA A 177 -2.89 1.44 2.37
N SER A 178 -2.84 0.14 2.32
CA SER A 178 -3.92 -0.67 1.70
C SER A 178 -5.31 -0.37 2.27
N GLY A 179 -5.48 -0.45 3.60
CA GLY A 179 -6.79 -0.18 4.26
C GLY A 179 -7.30 1.25 4.10
N ALA A 180 -6.36 2.19 3.97
CA ALA A 180 -6.65 3.61 3.86
C ALA A 180 -7.03 4.01 2.42
N PHE A 181 -6.31 3.53 1.38
CA PHE A 181 -6.82 3.56 -0.03
C PHE A 181 -8.19 2.87 -0.16
N LEU A 182 -8.37 1.74 0.46
CA LEU A 182 -9.65 1.07 0.37
C LEU A 182 -10.78 1.84 0.99
N HIS A 183 -10.56 2.45 2.15
CA HIS A 183 -11.51 3.33 2.80
C HIS A 183 -11.93 4.48 1.90
N ILE A 184 -10.97 5.12 1.24
CA ILE A 184 -11.29 6.15 0.26
C ILE A 184 -12.19 5.61 -0.86
N LYS A 185 -11.91 4.37 -1.34
CA LYS A 185 -12.72 3.71 -2.39
C LYS A 185 -14.20 3.60 -1.99
N GLU A 186 -14.46 3.17 -0.76
CA GLU A 186 -15.84 3.07 -0.27
C GLU A 186 -16.49 4.42 0.09
N THR A 187 -15.76 5.54 0.09
CA THR A 187 -16.35 6.76 0.67
C THR A 187 -16.14 8.01 -0.13
N VAL A 188 -15.27 7.99 -1.11
CA VAL A 188 -15.03 9.20 -1.88
C VAL A 188 -16.28 9.81 -2.47
N LEU A 189 -17.13 8.98 -3.07
CA LEU A 189 -18.21 9.54 -3.90
C LEU A 189 -19.32 10.11 -3.00
N SER A 190 -19.61 9.38 -1.91
CA SER A 190 -20.51 9.78 -0.81
C SER A 190 -20.18 11.16 -0.24
N ALA A 191 -18.88 11.37 0.02
CA ALA A 191 -18.41 12.53 0.77
C ALA A 191 -18.12 13.72 -0.13
N LEU A 192 -17.92 13.47 -1.42
CA LEU A 192 -17.55 14.56 -2.34
C LEU A 192 -18.75 15.28 -2.90
N SER A 193 -19.89 14.57 -2.98
CA SER A 193 -21.03 14.99 -3.79
C SER A 193 -20.63 15.12 -5.30
N ARG A 194 -19.62 15.95 -5.61
CA ARG A 194 -19.13 16.12 -6.98
C ARG A 194 -18.33 14.91 -7.50
N GLU A 195 -17.95 14.97 -8.78
CA GLU A 195 -17.13 13.95 -9.43
C GLU A 195 -15.66 14.12 -9.00
N PRO A 196 -15.06 13.11 -8.34
CA PRO A 196 -13.66 13.19 -7.83
C PRO A 196 -12.63 13.30 -8.90
N THR A 197 -11.41 13.61 -8.49
CA THR A 197 -10.36 13.68 -9.46
C THR A 197 -9.91 12.19 -9.69
N VAL A 198 -9.16 11.88 -10.75
CA VAL A 198 -8.94 10.43 -11.07
C VAL A 198 -7.98 9.70 -10.10
N ASP A 199 -6.99 10.40 -9.57
CA ASP A 199 -6.13 9.85 -8.51
C ASP A 199 -6.86 9.36 -7.24
N ILE A 200 -7.91 10.08 -6.80
CA ILE A 200 -8.76 9.62 -5.65
C ILE A 200 -10.03 8.83 -5.99
N SER A 201 -10.32 8.69 -7.27
CA SER A 201 -11.54 7.95 -7.65
C SER A 201 -11.41 6.45 -7.31
N PRO A 202 -12.55 5.79 -7.08
CA PRO A 202 -12.55 4.39 -6.60
C PRO A 202 -11.72 3.36 -7.41
N ASP A 203 -11.49 3.61 -8.69
CA ASP A 203 -10.77 2.65 -9.53
C ASP A 203 -9.30 2.77 -9.23
N THR A 204 -8.76 4.01 -9.18
CA THR A 204 -7.34 4.19 -8.96
C THR A 204 -6.94 3.69 -7.58
N VAL A 205 -7.81 4.01 -6.65
CA VAL A 205 -7.56 3.80 -5.29
C VAL A 205 -7.83 2.34 -4.87
N GLY A 206 -8.77 1.65 -5.53
CA GLY A 206 -8.92 0.21 -5.28
C GLY A 206 -7.66 -0.52 -5.77
N THR A 207 -7.10 -0.10 -6.88
CA THR A 207 -5.89 -0.65 -7.43
C THR A 207 -4.62 -0.41 -6.55
N LEU A 208 -4.39 0.84 -6.15
CA LEU A 208 -3.41 1.16 -5.07
C LEU A 208 -3.58 0.36 -3.80
N SER A 209 -4.80 0.17 -3.35
CA SER A 209 -5.01 -0.73 -2.21
C SER A 209 -4.45 -2.17 -2.44
N LEU A 210 -4.71 -2.73 -3.62
CA LEU A 210 -4.28 -4.10 -3.95
C LEU A 210 -2.77 -4.14 -4.13
N ILE A 211 -2.22 -3.12 -4.70
CA ILE A 211 -0.77 -3.04 -4.80
C ILE A 211 -0.04 -3.05 -3.42
N MET A 212 -0.54 -2.26 -2.45
CA MET A 212 0.07 -2.17 -1.11
C MET A 212 -0.02 -3.52 -0.39
N LEU A 213 -1.18 -4.16 -0.58
CA LEU A 213 -1.44 -5.45 -0.02
C LEU A 213 -0.58 -6.56 -0.61
N ALA A 214 -0.36 -6.54 -1.94
CA ALA A 214 0.65 -7.40 -2.61
C ALA A 214 2.02 -7.27 -2.02
N GLN A 215 2.42 -6.01 -1.74
CA GLN A 215 3.74 -5.66 -1.21
C GLN A 215 3.89 -6.02 0.25
N ALA A 216 2.80 -5.88 0.98
CA ALA A 216 2.71 -6.40 2.35
C ALA A 216 2.98 -7.94 2.41
N GLN A 217 2.26 -8.73 1.58
CA GLN A 217 2.51 -10.18 1.38
C GLN A 217 3.95 -10.48 0.96
N GLU A 218 4.50 -9.63 0.10
CA GLU A 218 5.84 -9.91 -0.39
C GLU A 218 6.77 -9.76 0.81
N VAL A 219 6.47 -8.76 1.65
CA VAL A 219 7.22 -8.54 2.87
C VAL A 219 7.14 -9.77 3.78
N PHE A 220 6.00 -10.40 3.94
CA PHE A 220 5.95 -11.68 4.71
C PHE A 220 6.74 -12.85 4.11
N PHE A 221 6.70 -12.98 2.79
CA PHE A 221 7.56 -13.92 2.06
C PHE A 221 9.04 -13.66 2.43
N LEU A 222 9.48 -12.41 2.38
CA LEU A 222 10.87 -12.06 2.67
C LEU A 222 11.25 -12.28 4.15
N LYS A 223 10.26 -12.14 5.04
CA LYS A 223 10.39 -12.42 6.46
C LYS A 223 10.70 -13.89 6.56
N ALA A 224 9.91 -14.70 5.85
CA ALA A 224 10.01 -16.15 5.99
C ALA A 224 11.27 -16.66 5.36
N THR A 225 11.65 -16.10 4.23
CA THR A 225 12.94 -16.37 3.65
C THR A 225 14.02 -16.14 4.69
N ARG A 226 13.94 -14.99 5.38
CA ARG A 226 15.00 -14.52 6.25
C ARG A 226 15.10 -15.40 7.50
N ASP A 227 13.97 -15.72 8.11
CA ASP A 227 13.86 -16.62 9.24
C ASP A 227 14.11 -18.07 8.89
N LYS A 228 14.57 -18.31 7.65
CA LYS A 228 14.71 -19.65 7.03
C LYS A 228 13.58 -20.59 7.45
N MET A 229 12.33 -20.23 7.18
CA MET A 229 11.19 -21.12 7.47
C MET A 229 11.08 -22.33 6.54
N LYS A 230 10.11 -23.20 6.80
CA LYS A 230 9.88 -24.38 5.96
C LYS A 230 9.63 -23.95 4.51
N ASP A 231 10.43 -24.44 3.58
CA ASP A 231 10.18 -24.28 2.14
C ASP A 231 8.72 -24.43 1.69
N ALA A 232 7.96 -25.34 2.28
CA ALA A 232 6.52 -25.36 2.04
C ALA A 232 5.75 -24.08 2.44
N ILE A 233 6.16 -23.44 3.54
CA ILE A 233 5.56 -22.20 4.02
C ILE A 233 5.90 -21.08 3.05
N ILE A 234 7.17 -20.98 2.72
CA ILE A 234 7.65 -19.92 1.91
C ILE A 234 6.94 -19.96 0.51
N ALA A 235 6.83 -21.17 -0.06
CA ALA A 235 6.19 -21.37 -1.34
C ALA A 235 4.72 -20.91 -1.36
N LYS A 236 3.92 -21.23 -0.36
CA LYS A 236 2.56 -20.75 -0.27
C LYS A 236 2.42 -19.23 -0.10
N LEU A 237 3.33 -18.65 0.68
CA LEU A 237 3.44 -17.19 0.82
C LEU A 237 3.77 -16.50 -0.48
N ALA A 238 4.73 -17.04 -1.24
CA ALA A 238 5.09 -16.55 -2.59
C ALA A 238 3.91 -16.72 -3.59
N ASN A 239 3.19 -17.84 -3.49
CA ASN A 239 2.06 -18.18 -4.38
C ASN A 239 0.86 -17.21 -4.20
N GLN A 240 0.64 -16.83 -2.97
CA GLN A 240 -0.40 -15.88 -2.67
C GLN A 240 -0.01 -14.43 -3.09
N ALA A 241 1.25 -14.05 -2.88
CA ALA A 241 1.78 -12.82 -3.42
C ALA A 241 1.57 -12.73 -4.92
N ALA A 242 1.83 -13.82 -5.62
CA ALA A 242 1.65 -13.84 -7.08
C ALA A 242 0.21 -13.63 -7.45
N ASP A 243 -0.75 -14.22 -6.74
CA ASP A 243 -2.17 -13.86 -6.93
C ASP A 243 -2.43 -12.36 -6.80
N TYR A 244 -1.91 -11.75 -5.74
CA TYR A 244 -2.16 -10.31 -5.48
C TYR A 244 -1.56 -9.43 -6.54
N PHE A 245 -0.32 -9.73 -6.95
CA PHE A 245 0.38 -8.95 -7.96
C PHE A 245 -0.26 -9.18 -9.32
N GLY A 246 -0.74 -10.41 -9.54
CA GLY A 246 -1.45 -10.79 -10.78
C GLY A 246 -2.67 -9.93 -10.95
N ASP A 247 -3.48 -9.87 -9.93
CA ASP A 247 -4.70 -9.10 -9.92
C ASP A 247 -4.49 -7.60 -10.07
N ALA A 248 -3.45 -7.04 -9.45
CA ALA A 248 -3.14 -5.63 -9.56
C ALA A 248 -2.67 -5.32 -11.00
N PHE A 249 -1.77 -6.12 -11.57
CA PHE A 249 -1.41 -5.77 -12.96
C PHE A 249 -2.57 -5.83 -13.95
N LYS A 250 -3.53 -6.73 -13.70
CA LYS A 250 -4.74 -6.87 -14.51
C LYS A 250 -5.71 -5.68 -14.38
N GLN A 251 -5.72 -5.02 -13.22
CA GLN A 251 -6.44 -3.74 -13.04
C GLN A 251 -5.79 -2.58 -13.75
N CYS A 252 -4.53 -2.75 -14.16
CA CYS A 252 -3.72 -1.75 -14.84
C CYS A 252 -3.49 -2.01 -16.28
N GLN A 253 -3.91 -3.16 -16.78
CA GLN A 253 -3.61 -3.57 -18.11
C GLN A 253 -4.18 -2.61 -19.18
N TYR A 254 -5.38 -2.08 -18.95
CA TYR A 254 -6.00 -1.25 -19.96
C TYR A 254 -6.05 0.22 -19.56
N LYS A 255 -5.14 0.62 -18.66
CA LYS A 255 -5.25 1.91 -17.98
C LYS A 255 -3.94 2.65 -17.92
N ASP A 256 -3.98 3.98 -18.03
CA ASP A 256 -2.76 4.74 -17.98
C ASP A 256 -2.77 5.84 -16.89
N THR A 257 -3.54 5.57 -15.83
CA THR A 257 -3.63 6.44 -14.69
C THR A 257 -2.31 6.49 -13.89
N LEU A 258 -1.82 5.34 -13.41
CA LEU A 258 -0.61 5.34 -12.55
C LEU A 258 0.68 5.56 -13.34
N PRO A 259 1.77 5.95 -12.67
CA PRO A 259 3.01 6.18 -13.35
C PRO A 259 3.47 4.94 -14.16
N LYS A 260 4.27 5.17 -15.21
CA LYS A 260 4.47 4.11 -16.21
C LYS A 260 5.30 2.93 -15.69
N GLU A 261 6.06 3.14 -14.63
CA GLU A 261 6.81 2.06 -14.04
C GLU A 261 5.92 1.07 -13.29
N VAL A 262 4.67 1.42 -12.98
CA VAL A 262 3.84 0.60 -12.14
C VAL A 262 3.45 -0.71 -12.86
N PHE A 263 2.87 -0.63 -14.06
CA PHE A 263 2.44 -1.85 -14.74
C PHE A 263 3.58 -2.91 -14.96
N PRO A 264 4.70 -2.56 -15.59
CA PRO A 264 5.80 -3.49 -15.72
C PRO A 264 6.38 -4.06 -14.40
N VAL A 265 6.44 -3.26 -13.33
CA VAL A 265 6.86 -3.78 -12.01
C VAL A 265 5.90 -4.85 -11.50
N LEU A 266 4.62 -4.61 -11.66
CA LEU A 266 3.62 -5.56 -11.17
C LEU A 266 3.63 -6.84 -12.02
N ALA A 267 3.79 -6.71 -13.34
CA ALA A 267 3.91 -7.86 -14.27
C ALA A 267 5.13 -8.67 -13.86
N ALA A 268 6.26 -8.00 -13.59
CA ALA A 268 7.52 -8.68 -13.23
C ALA A 268 7.39 -9.46 -11.93
N LYS A 269 6.90 -8.77 -10.91
CA LYS A 269 6.64 -9.34 -9.58
C LYS A 269 5.67 -10.50 -9.59
N HIS A 270 4.63 -10.42 -10.37
CA HIS A 270 3.76 -11.54 -10.52
C HIS A 270 4.54 -12.84 -10.97
N CYS A 271 5.44 -12.70 -11.96
CA CYS A 271 6.27 -13.82 -12.43
C CYS A 271 7.39 -14.16 -11.45
N ILE A 272 8.03 -13.15 -10.84
CA ILE A 272 9.02 -13.46 -9.86
C ILE A 272 8.37 -14.20 -8.73
N MET A 273 7.19 -13.80 -8.31
CA MET A 273 6.61 -14.46 -7.20
C MET A 273 6.28 -15.85 -7.55
N GLN A 274 5.78 -16.11 -8.76
CA GLN A 274 5.50 -17.52 -9.18
C GLN A 274 6.73 -18.43 -9.25
N ALA A 275 7.84 -17.89 -9.72
CA ALA A 275 9.11 -18.56 -9.76
C ALA A 275 9.64 -18.92 -8.33
N ASN A 276 9.42 -18.01 -7.37
CA ASN A 276 9.78 -18.24 -5.96
C ASN A 276 8.92 -19.39 -5.39
N ALA A 277 7.62 -19.33 -5.62
CA ALA A 277 6.73 -20.44 -5.30
C ALA A 277 7.22 -21.82 -5.83
N GLU A 278 7.57 -21.88 -7.12
CA GLU A 278 7.99 -23.12 -7.78
C GLU A 278 9.37 -23.54 -7.28
N TYR A 279 10.27 -22.58 -7.12
CA TYR A 279 11.61 -22.80 -6.59
C TYR A 279 11.59 -23.43 -5.20
N HIS A 280 10.81 -22.86 -4.28
CA HIS A 280 10.72 -23.43 -2.94
C HIS A 280 9.93 -24.73 -2.89
N GLN A 281 8.95 -24.89 -3.79
CA GLN A 281 8.20 -26.12 -3.86
C GLN A 281 9.10 -27.22 -4.44
N SER A 282 10.08 -26.83 -5.26
CA SER A 282 11.03 -27.75 -5.80
C SER A 282 12.01 -28.30 -4.75
N ILE A 283 12.31 -27.53 -3.72
CA ILE A 283 13.23 -27.92 -2.70
C ILE A 283 12.54 -28.97 -1.85
N LEU A 284 11.26 -28.75 -1.55
CA LEU A 284 10.42 -29.73 -0.91
C LEU A 284 10.31 -31.09 -1.66
N ALA A 285 10.18 -31.06 -3.00
CA ALA A 285 9.99 -32.26 -3.82
C ALA A 285 11.24 -33.09 -3.71
N LYS A 286 12.41 -32.45 -3.84
CA LYS A 286 13.73 -33.06 -3.73
C LYS A 286 13.88 -33.75 -2.35
N GLN A 287 13.70 -33.00 -1.26
CA GLN A 287 13.65 -33.60 0.07
C GLN A 287 12.84 -34.88 0.13
N GLN A 288 11.79 -34.95 -0.66
CA GLN A 288 10.86 -36.05 -0.64
C GLN A 288 11.20 -37.14 -1.69
N LYS A 289 12.34 -36.92 -2.35
CA LYS A 289 12.92 -37.75 -3.41
C LYS A 289 12.08 -37.80 -4.69
N LYS A 290 11.31 -36.75 -4.93
CA LYS A 290 10.49 -36.65 -6.12
C LYS A 290 11.31 -35.86 -7.12
N PHE A 291 12.28 -36.53 -7.72
CA PHE A 291 13.31 -35.86 -8.49
C PHE A 291 12.82 -35.30 -9.84
N GLY A 292 11.89 -36.01 -10.47
CA GLY A 292 11.24 -35.57 -11.68
C GLY A 292 10.43 -34.30 -11.46
N GLU A 293 9.57 -34.30 -10.44
CA GLU A 293 8.82 -33.10 -10.00
C GLU A 293 9.72 -31.93 -9.67
N GLU A 294 10.89 -32.20 -9.07
CA GLU A 294 11.80 -31.12 -8.80
C GLU A 294 12.21 -30.44 -10.07
N ILE A 295 12.60 -31.24 -11.07
CA ILE A 295 13.09 -30.75 -12.33
C ILE A 295 11.96 -29.95 -13.03
N ALA A 296 10.74 -30.50 -13.06
CA ALA A 296 9.56 -29.85 -13.65
C ALA A 296 9.30 -28.46 -13.07
N ARG A 297 9.30 -28.35 -11.73
CA ARG A 297 9.11 -27.08 -11.06
C ARG A 297 10.23 -26.10 -11.31
N LEU A 298 11.47 -26.56 -11.23
CA LEU A 298 12.64 -25.74 -11.58
C LEU A 298 12.66 -25.23 -13.04
N GLN A 299 12.18 -26.03 -14.00
CA GLN A 299 12.08 -25.64 -15.39
C GLN A 299 11.04 -24.57 -15.56
N HIS A 300 9.93 -24.67 -14.80
CA HIS A 300 8.92 -23.63 -14.73
C HIS A 300 9.47 -22.33 -14.16
N ALA A 301 10.03 -22.37 -12.96
CA ALA A 301 10.78 -21.25 -12.43
C ALA A 301 11.73 -20.55 -13.43
N ALA A 302 12.53 -21.31 -14.18
CA ALA A 302 13.55 -20.74 -15.04
C ALA A 302 12.92 -20.03 -16.23
N GLU A 303 11.83 -20.59 -16.71
CA GLU A 303 11.11 -20.04 -17.83
C GLU A 303 10.50 -18.70 -17.47
N LEU A 304 9.76 -18.67 -16.34
CA LEU A 304 9.24 -17.43 -15.73
C LEU A 304 10.30 -16.39 -15.58
N ILE A 305 11.44 -16.73 -14.97
CA ILE A 305 12.58 -15.80 -14.72
C ILE A 305 13.32 -15.35 -15.99
N LYS A 306 13.45 -16.27 -16.95
CA LYS A 306 13.87 -15.92 -18.32
C LYS A 306 12.92 -14.89 -19.00
N THR A 307 11.61 -15.05 -18.83
CA THR A 307 10.65 -14.08 -19.35
C THR A 307 10.86 -12.67 -18.74
N VAL A 308 11.09 -12.62 -17.45
CA VAL A 308 11.19 -11.39 -16.75
C VAL A 308 12.52 -10.73 -17.07
N ALA A 309 13.59 -11.52 -17.14
CA ALA A 309 14.89 -10.98 -17.50
C ALA A 309 14.86 -10.34 -18.88
N SER A 310 14.08 -10.88 -19.81
CA SER A 310 14.08 -10.29 -21.16
C SER A 310 13.00 -9.20 -21.44
N ARG A 311 11.85 -9.24 -20.77
CA ARG A 311 10.83 -8.18 -20.87
C ARG A 311 11.03 -6.99 -19.94
N TYR A 312 11.57 -7.24 -18.75
CA TYR A 312 11.43 -6.28 -17.62
C TYR A 312 12.77 -5.89 -16.95
N ASP A 313 13.87 -5.98 -17.70
CA ASP A 313 15.23 -5.75 -17.16
C ASP A 313 15.56 -4.30 -16.76
N GLU A 314 14.84 -3.34 -17.36
CA GLU A 314 14.84 -1.92 -16.94
C GLU A 314 14.34 -1.75 -15.51
N TYR A 315 13.60 -2.73 -14.97
CA TYR A 315 12.86 -2.56 -13.70
C TYR A 315 13.26 -3.50 -12.56
N VAL A 316 13.81 -4.68 -12.86
CA VAL A 316 14.28 -5.64 -11.81
C VAL A 316 15.57 -6.34 -12.21
N ASN A 317 16.39 -6.75 -11.25
CA ASN A 317 17.54 -7.58 -11.58
C ASN A 317 17.40 -8.97 -11.01
N VAL A 318 17.23 -9.92 -11.90
CA VAL A 318 16.71 -11.22 -11.57
C VAL A 318 17.84 -12.25 -11.66
N LYS A 319 19.06 -11.74 -11.82
CA LYS A 319 20.28 -12.47 -12.23
C LYS A 319 20.79 -13.53 -11.26
N ASP A 320 20.80 -13.23 -9.96
CA ASP A 320 21.22 -14.19 -8.93
C ASP A 320 20.22 -15.33 -8.69
N PHE A 321 18.93 -15.00 -8.71
CA PHE A 321 17.88 -15.99 -8.69
C PHE A 321 17.97 -16.92 -9.90
N SER A 322 18.19 -16.34 -11.05
CA SER A 322 18.26 -17.09 -12.27
C SER A 322 19.42 -18.10 -12.20
N ASP A 323 20.58 -17.65 -11.73
CA ASP A 323 21.77 -18.48 -11.52
C ASP A 323 21.56 -19.59 -10.52
N LYS A 324 20.98 -19.23 -9.37
CA LYS A 324 20.57 -20.19 -8.39
C LYS A 324 19.64 -21.30 -8.93
N ILE A 325 18.64 -20.93 -9.75
CA ILE A 325 17.73 -21.88 -10.39
C ILE A 325 18.51 -22.75 -11.37
N ASN A 326 19.30 -22.12 -12.22
CA ASN A 326 20.11 -22.85 -13.14
C ASN A 326 21.13 -23.80 -12.53
N ARG A 327 21.73 -23.42 -11.39
CA ARG A 327 22.58 -24.32 -10.60
C ARG A 327 21.79 -25.55 -10.15
N ALA A 328 20.57 -25.33 -9.65
CA ALA A 328 19.81 -26.41 -9.07
C ALA A 328 19.29 -27.36 -10.14
N LEU A 329 18.99 -26.77 -11.31
CA LEU A 329 18.39 -27.51 -12.41
C LEU A 329 19.47 -28.32 -13.16
N ALA A 330 20.65 -27.72 -13.37
CA ALA A 330 21.79 -28.43 -13.91
C ALA A 330 22.18 -29.62 -13.02
N ALA A 331 22.32 -29.41 -11.72
CA ALA A 331 22.62 -30.50 -10.79
C ALA A 331 21.50 -31.59 -10.78
N ALA A 332 20.23 -31.16 -10.75
CA ALA A 332 19.05 -32.04 -10.79
C ALA A 332 19.01 -32.95 -12.01
N LYS A 333 19.18 -32.36 -13.19
CA LYS A 333 19.10 -33.09 -14.45
C LYS A 333 20.20 -34.13 -14.63
N LYS A 334 21.39 -33.79 -14.20
CA LYS A 334 22.59 -34.61 -14.30
C LYS A 334 22.42 -35.90 -13.53
N ASP A 335 21.85 -35.79 -12.33
CA ASP A 335 21.66 -36.95 -11.47
C ASP A 335 20.47 -37.76 -11.81
N ASN A 336 19.40 -37.12 -12.27
CA ASN A 336 18.23 -37.87 -12.77
C ASN A 336 18.57 -38.73 -14.04
N ASP A 337 19.40 -38.15 -14.91
CA ASP A 337 19.81 -38.79 -16.15
C ASP A 337 20.76 -39.94 -15.86
N PHE A 338 21.70 -39.69 -14.94
CA PHE A 338 22.69 -40.69 -14.59
C PHE A 338 22.25 -41.70 -13.49
N ILE A 339 21.27 -41.35 -12.65
CA ILE A 339 21.02 -42.19 -11.50
C ILE A 339 19.58 -42.63 -11.40
N TYR A 340 18.67 -41.67 -11.22
CA TYR A 340 17.31 -42.01 -10.79
C TYR A 340 16.37 -42.37 -11.92
N HIS A 341 16.56 -41.76 -13.08
CA HIS A 341 15.67 -41.95 -14.25
C HIS A 341 14.19 -41.73 -13.96
N ASP A 342 13.90 -40.85 -13.01
CA ASP A 342 12.52 -40.36 -12.81
C ASP A 342 12.03 -39.70 -14.09
N ARG A 343 10.77 -39.98 -14.36
CA ARG A 343 10.01 -39.30 -15.40
C ARG A 343 9.74 -37.85 -14.94
N VAL A 344 10.18 -36.88 -15.75
CA VAL A 344 9.84 -35.45 -15.55
C VAL A 344 8.38 -35.21 -15.97
N PRO A 345 7.52 -35.01 -14.98
CA PRO A 345 6.11 -34.86 -15.21
C PRO A 345 5.76 -33.53 -15.93
N ASP A 346 4.55 -33.49 -16.49
CA ASP A 346 4.08 -32.24 -17.08
C ASP A 346 3.46 -31.41 -15.99
N LEU A 347 3.65 -30.09 -16.08
CA LEU A 347 3.07 -29.11 -15.13
C LEU A 347 1.63 -29.35 -14.81
N LYS A 348 0.77 -29.60 -15.82
CA LYS A 348 -0.67 -29.81 -15.54
C LYS A 348 -0.95 -31.05 -14.71
N ASP A 349 0.07 -31.89 -14.58
CA ASP A 349 -0.03 -33.10 -13.78
C ASP A 349 0.45 -32.97 -12.34
N LEU A 350 1.12 -31.86 -12.02
CA LEU A 350 1.52 -31.54 -10.61
C LEU A 350 0.38 -31.00 -9.73
N ASP A 351 0.40 -31.28 -8.44
CA ASP A 351 -0.53 -30.66 -7.51
C ASP A 351 -0.34 -29.14 -7.48
N PRO A 352 -1.39 -28.35 -7.26
CA PRO A 352 -1.17 -26.91 -7.13
C PRO A 352 -0.44 -26.65 -5.82
N ILE A 353 0.43 -25.64 -5.81
CA ILE A 353 1.04 -25.10 -4.60
C ILE A 353 -0.11 -24.39 -3.93
N GLY A 354 -0.19 -24.50 -2.62
CA GLY A 354 -1.26 -23.81 -1.89
C GLY A 354 -0.96 -22.30 -1.78
N LYS A 355 -1.81 -21.63 -1.00
CA LYS A 355 -1.76 -20.18 -0.83
C LYS A 355 -1.92 -19.87 0.67
N ALA A 356 -1.00 -19.09 1.24
CA ALA A 356 -1.13 -18.64 2.63
C ALA A 356 -1.17 -17.13 2.61
N THR A 357 -2.31 -16.58 3.02
CA THR A 357 -2.48 -15.12 3.14
C THR A 357 -2.31 -14.62 4.58
N LEU A 358 -1.33 -13.73 4.78
CA LEU A 358 -0.94 -13.27 6.11
C LEU A 358 -1.14 -11.75 6.36
N VAL A 359 -2.12 -11.18 5.67
CA VAL A 359 -2.09 -9.77 5.31
C VAL A 359 -3.52 -9.30 5.13
N LYS A 360 -3.87 -8.16 5.75
CA LYS A 360 -5.18 -7.53 5.53
C LYS A 360 -5.10 -6.02 5.46
N SER A 361 -6.16 -5.43 4.94
CA SER A 361 -6.30 -4.00 4.85
C SER A 361 -6.70 -3.48 6.22
N THR A 362 -5.83 -2.71 6.86
CA THR A 362 -6.14 -2.08 8.13
C THR A 362 -7.36 -1.14 7.99
N PRO A 363 -8.46 -1.42 8.72
CA PRO A 363 -9.63 -0.53 8.74
C PRO A 363 -9.25 0.85 9.23
N VAL A 364 -9.90 1.86 8.68
CA VAL A 364 -9.74 3.21 9.18
C VAL A 364 -10.83 3.40 10.27
N ASN A 365 -10.41 3.35 11.55
CA ASN A 365 -11.31 3.68 12.70
C ASN A 365 -10.72 4.82 13.51
N VAL A 366 -11.29 6.02 13.36
CA VAL A 366 -10.80 7.20 14.11
C VAL A 366 -10.92 6.96 15.63
N PRO A 367 -9.85 7.23 16.37
CA PRO A 367 -8.65 7.87 15.87
C PRO A 367 -7.57 6.92 15.27
N ILE A 368 -6.92 7.38 14.20
CA ILE A 368 -5.83 6.62 13.56
C ILE A 368 -4.46 7.06 14.06
N SER A 369 -4.41 8.20 14.74
CA SER A 369 -3.14 8.75 15.28
C SER A 369 -2.82 8.30 16.71
N GLN A 370 -1.54 8.44 17.05
CA GLN A 370 -1.04 8.08 18.38
C GLN A 370 -1.46 9.08 19.46
N LYS A 371 -2.20 8.58 20.46
CA LYS A 371 -2.67 9.39 21.61
C LYS A 371 -3.32 10.72 21.15
N PHE A 372 -4.45 10.57 20.46
CA PHE A 372 -5.30 11.65 19.97
C PHE A 372 -6.03 12.35 21.12
N THR A 373 -6.17 13.68 21.00
CA THR A 373 -7.14 14.47 21.78
C THR A 373 -7.80 15.50 20.87
N ASP A 374 -9.13 15.47 20.84
CA ASP A 374 -9.93 16.38 20.01
C ASP A 374 -9.86 17.81 20.53
N LEU A 375 -9.40 18.76 19.71
CA LEU A 375 -9.29 20.18 20.10
C LEU A 375 -10.63 20.86 20.44
N PHE A 376 -11.73 20.17 20.16
CA PHE A 376 -13.08 20.67 20.34
C PHE A 376 -13.92 19.58 21.00
N GLU A 377 -13.38 18.93 22.03
CA GLU A 377 -14.03 17.75 22.63
C GLU A 377 -15.29 18.10 23.46
N LYS A 378 -15.14 19.06 24.39
CA LYS A 378 -16.20 19.46 25.33
C LYS A 378 -17.27 20.35 24.66
N MET A 379 -17.13 20.58 23.34
CA MET A 379 -18.12 21.30 22.51
C MET A 379 -19.30 20.41 22.10
N ASP B 1 -0.42 -27.34 8.92
CA ASP B 1 0.82 -26.48 8.88
C ASP B 1 0.57 -25.02 9.31
N GLU B 2 -0.69 -24.72 9.66
CA GLU B 2 -1.08 -23.37 10.10
C GLU B 2 -0.65 -23.02 11.55
N GLU B 3 0.37 -23.72 12.06
CA GLU B 3 0.91 -23.39 13.38
C GLU B 3 1.93 -22.27 13.25
N ALA B 4 3.00 -22.52 12.50
CA ALA B 4 3.99 -21.49 12.21
C ALA B 4 3.41 -20.23 11.49
N LEU B 5 2.20 -20.39 10.92
CA LEU B 5 1.44 -19.29 10.28
C LEU B 5 0.85 -18.27 11.25
N LYS B 6 0.33 -18.74 12.38
CA LYS B 6 -0.12 -17.84 13.47
C LYS B 6 1.07 -17.09 14.08
N GLN B 7 2.20 -17.79 14.22
CA GLN B 7 3.45 -17.23 14.77
C GLN B 7 4.17 -16.34 13.75
N LEU B 8 3.50 -16.08 12.62
CA LEU B 8 3.88 -15.04 11.66
C LEU B 8 2.84 -13.92 11.68
N ALA B 9 1.56 -14.29 11.59
CA ALA B 9 0.48 -13.31 11.74
C ALA B 9 0.70 -12.40 12.97
N GLU B 10 1.06 -13.00 14.10
CA GLU B 10 1.28 -12.30 15.37
C GLU B 10 2.73 -11.82 15.60
N TRP B 11 3.28 -11.16 14.60
CA TRP B 11 4.63 -10.59 14.66
C TRP B 11 4.50 -9.14 14.27
N VAL B 12 3.55 -8.89 13.38
CA VAL B 12 3.31 -7.57 12.86
C VAL B 12 2.32 -6.94 13.84
N SER B 13 1.76 -7.79 14.70
CA SER B 13 0.95 -7.32 15.82
C SER B 13 1.79 -6.62 16.93
C1 GOL C . 1.92 2.66 12.29
O1 GOL C . 2.60 1.41 12.30
C2 GOL C . 0.72 2.63 11.36
O2 GOL C . 1.04 1.94 10.17
C3 GOL C . 0.39 4.07 10.98
O3 GOL C . -0.87 4.40 11.55
#